data_2J47
#
_entry.id   2J47
#
_cell.length_a   188.426
_cell.length_b   51.340
_cell.length_c   85.474
_cell.angle_alpha   90.00
_cell.angle_beta   100.22
_cell.angle_gamma   90.00
#
_symmetry.space_group_name_H-M   'C 1 2 1'
#
loop_
_entity.id
_entity.type
_entity.pdbx_description
1 polymer GLUCOSAMINIDASE
2 non-polymer (5R,6R,7R,8S)-8-(ACETYLAMINO)-6,7-DIHYDROXY-5-(HYDROXYMETHYL)-N-PHENYL-1,5,6,7,8,8A-HEXAHYDROIMIDAZO[1,2-A]PYRIDINE-2-CARBOXAMIDE
3 non-polymer GLYCEROL
4 water water
#
_entity_poly.entity_id   1
_entity_poly.type   'polypeptide(L)'
_entity_poly.pdbx_seq_one_letter_code
;QNVSLQPPPQQLIVQNKTIDLPAVYQLNGGEEANPHAVKVLKELLSGKQSSKKGMLISIGEKGDKSVRKYSRQIPDHKEG
YYLSVNEKEIVLAGNDERGTYYALQTFAQLLKDGKLPEVEIKDYPSVRYRGVVEGFYGTPWSHQARLSQLKFYGKNKMNT
YIYGPKDDPYHSAPNWRLPYPDKEAAQLQELVAVANENEVDFVWAIHPGQDIKWNKEDRDLLLAKFEKMYQLGVRSFAVF
FDDISGEGTNPQKQAELLNYIDEKFAQVKPDINQLVMCPTEYNKSWSNPNGNYLTTLGDKLNPSIQIMWTGDRVISDITR
DGISWINERIKRPAYIWWNFPVSDYVRDHLLLGPVYGNDTTIAKEMSGFVTNPMEHAESSKIAIYSVASYAWNPAKYDTW
QTWKDAIRTILPSAAEELECFAMHNSDLGPNGHGYRREESMDIQPAAERFLKAFKEGKNYDKADFETLQYTFERMKESAD
ILLMNTENKPLIVEITPWVHQFKLTAEMGEEVLKMVEGRNESYFLRKYNHVKALQQQMFYIDQTSNQNPYQPGVKTATRV
IKPLIDRTFATVVKFFNQKFNAHLDATTDYMPHKMISNVEQIKNLPLQVKANRVLISPANEVVKWAAGNSVEIELDAIYP
GENIQINFGKDAPCTWGRLEISTDGKEWKTVDLKQKESRLSAGLQKAPVKFVRFTNVSDEEQQVYLRQFVLTIEKK
;
_entity_poly.pdbx_strand_id   A
#
# COMPACT_ATOMS: atom_id res chain seq x y z
N SER A 4 -4.59 18.68 -5.03
CA SER A 4 -3.76 17.94 -5.97
C SER A 4 -4.66 17.23 -7.02
N LEU A 5 -4.02 16.45 -7.86
CA LEU A 5 -4.71 15.35 -8.47
C LEU A 5 -3.83 14.14 -8.48
N GLN A 6 -4.38 12.95 -8.24
CA GLN A 6 -3.66 11.86 -7.53
C GLN A 6 -4.27 10.60 -8.16
N PRO A 7 -3.52 9.89 -9.02
CA PRO A 7 -2.16 10.18 -9.47
C PRO A 7 -2.12 11.48 -10.34
N PRO A 8 -0.97 12.18 -10.40
CA PRO A 8 -0.83 13.36 -11.26
C PRO A 8 -0.85 12.95 -12.76
N PRO A 9 -1.67 13.65 -13.57
CA PRO A 9 -1.79 13.32 -15.00
C PRO A 9 -0.49 13.49 -15.75
N GLN A 10 -0.30 12.77 -16.84
CA GLN A 10 0.88 12.91 -17.68
C GLN A 10 1.00 14.35 -18.24
N GLN A 11 -0.14 14.93 -18.62
CA GLN A 11 -0.16 16.25 -19.24
C GLN A 11 -1.35 16.99 -18.69
N LEU A 12 -1.12 18.18 -18.17
CA LEU A 12 -2.19 19.02 -17.65
C LEU A 12 -1.96 20.48 -18.04
N ILE A 13 -3.00 21.10 -18.59
CA ILE A 13 -3.04 22.56 -18.86
C ILE A 13 -4.26 23.16 -18.17
N VAL A 14 -4.01 24.10 -17.25
CA VAL A 14 -5.05 24.76 -16.48
C VAL A 14 -5.18 26.25 -16.87
N GLN A 15 -6.38 26.67 -17.22
CA GLN A 15 -6.67 28.11 -17.41
C GLN A 15 -7.29 28.68 -16.12
N ASN A 16 -7.26 30.00 -15.99
CA ASN A 16 -7.68 30.61 -14.72
C ASN A 16 -9.14 31.03 -14.70
N LYS A 17 -9.95 30.25 -15.41
CA LYS A 17 -11.40 30.37 -15.41
C LYS A 17 -11.99 29.19 -14.68
N THR A 18 -13.12 29.44 -14.00
CA THR A 18 -13.87 28.38 -13.36
C THR A 18 -15.25 28.25 -14.03
N ILE A 19 -15.87 27.08 -13.93
CA ILE A 19 -17.18 26.89 -14.52
C ILE A 19 -18.12 26.20 -13.54
N ASP A 20 -19.41 26.53 -13.61
CA ASP A 20 -20.41 25.83 -12.81
C ASP A 20 -20.88 24.54 -13.48
N TYR A 25 -27.36 20.76 -18.86
CA TYR A 25 -26.47 19.94 -19.71
C TYR A 25 -27.15 18.91 -20.63
N GLN A 26 -26.52 18.66 -21.79
CA GLN A 26 -26.87 17.53 -22.68
C GLN A 26 -25.83 16.41 -22.53
N LEU A 27 -26.30 15.17 -22.42
CA LEU A 27 -25.40 14.01 -22.32
C LEU A 27 -25.30 13.24 -23.64
N ASN A 28 -24.16 13.39 -24.29
CA ASN A 28 -23.87 12.73 -25.55
C ASN A 28 -22.92 11.51 -25.33
N GLY A 29 -23.46 10.31 -25.49
CA GLY A 29 -22.66 9.08 -25.45
C GLY A 29 -22.96 8.10 -24.33
N GLY A 30 -24.00 8.41 -23.56
CA GLY A 30 -24.39 7.61 -22.39
C GLY A 30 -24.77 6.16 -22.65
N GLU A 31 -25.20 5.88 -23.88
CA GLU A 31 -25.59 4.52 -24.22
C GLU A 31 -24.49 3.75 -24.97
N GLU A 32 -23.35 4.39 -25.22
CA GLU A 32 -22.24 3.68 -25.89
C GLU A 32 -20.95 3.65 -25.07
N ALA A 33 -20.86 4.54 -24.09
CA ALA A 33 -19.66 4.66 -23.24
C ALA A 33 -19.66 3.58 -22.14
N ASN A 34 -18.47 3.31 -21.57
CA ASN A 34 -18.35 2.37 -20.44
C ASN A 34 -19.43 2.65 -19.37
N PRO A 35 -20.32 1.67 -19.11
CA PRO A 35 -21.40 1.89 -18.11
C PRO A 35 -20.86 2.18 -16.71
N HIS A 36 -19.71 1.60 -16.37
CA HIS A 36 -19.03 1.92 -15.11
C HIS A 36 -18.64 3.40 -15.05
N ALA A 37 -18.21 4.01 -16.18
CA ALA A 37 -17.91 5.45 -16.18
C ALA A 37 -19.17 6.32 -16.17
N VAL A 38 -20.14 5.95 -16.98
CA VAL A 38 -21.42 6.68 -17.06
C VAL A 38 -22.15 6.75 -15.70
N LYS A 39 -22.13 5.63 -14.96
CA LYS A 39 -22.67 5.56 -13.60
C LYS A 39 -22.00 6.59 -12.67
N VAL A 40 -20.66 6.62 -12.70
CA VAL A 40 -19.89 7.59 -11.93
C VAL A 40 -20.29 9.03 -12.31
N LEU A 41 -20.35 9.34 -13.61
CA LEU A 41 -20.80 10.66 -14.03
C LEU A 41 -22.20 11.00 -13.48
N LYS A 42 -23.15 10.09 -13.65
CA LYS A 42 -24.51 10.31 -13.15
C LYS A 42 -24.59 10.45 -11.63
N GLU A 43 -23.71 9.74 -10.93
CA GLU A 43 -23.58 9.86 -9.47
C GLU A 43 -23.00 11.22 -9.05
N LEU A 44 -22.26 11.85 -9.96
CA LEU A 44 -21.73 13.19 -9.70
C LEU A 44 -22.73 14.23 -10.16
N LEU A 45 -23.69 13.83 -10.99
CA LEU A 45 -24.50 14.79 -11.74
C LEU A 45 -25.96 14.94 -11.28
N SER A 46 -26.25 14.63 -10.01
CA SER A 46 -27.54 15.01 -9.41
C SER A 46 -27.72 16.55 -9.49
N GLY A 47 -28.26 17.01 -10.61
CA GLY A 47 -28.35 18.44 -10.92
C GLY A 47 -28.80 18.67 -12.35
N GLY A 54 -28.92 23.16 -22.82
CA GLY A 54 -27.92 22.81 -21.80
C GLY A 54 -26.60 22.41 -22.43
N MET A 55 -25.49 22.74 -21.77
CA MET A 55 -24.13 22.50 -22.31
C MET A 55 -23.80 21.02 -22.56
N LEU A 56 -22.94 20.75 -23.54
CA LEU A 56 -22.68 19.37 -23.91
C LEU A 56 -21.73 18.68 -22.89
N ILE A 57 -22.09 17.47 -22.48
CA ILE A 57 -21.11 16.53 -21.93
C ILE A 57 -20.98 15.33 -22.86
N SER A 58 -19.82 15.21 -23.48
CA SER A 58 -19.54 14.10 -24.39
C SER A 58 -18.71 13.02 -23.68
N ILE A 59 -19.25 11.80 -23.62
CA ILE A 59 -18.53 10.69 -23.02
C ILE A 59 -18.45 9.52 -24.00
N GLY A 60 -17.30 8.85 -24.03
CA GLY A 60 -17.16 7.70 -24.92
C GLY A 60 -15.74 7.20 -24.99
N GLU A 61 -15.59 6.02 -25.59
CA GLU A 61 -14.30 5.45 -25.95
C GLU A 61 -13.99 5.79 -27.38
N LYS A 62 -12.70 5.90 -27.70
CA LYS A 62 -12.24 6.02 -29.06
C LYS A 62 -13.00 5.00 -29.96
N GLY A 63 -13.65 5.50 -31.00
CA GLY A 63 -14.45 4.65 -31.89
C GLY A 63 -15.92 4.96 -31.74
N ASP A 64 -16.33 5.37 -30.55
CA ASP A 64 -17.71 5.79 -30.31
C ASP A 64 -18.07 7.08 -31.06
N LYS A 65 -19.31 7.16 -31.53
CA LYS A 65 -19.81 8.34 -32.27
C LYS A 65 -19.71 9.63 -31.46
N SER A 66 -19.99 9.54 -30.16
CA SER A 66 -19.94 10.69 -29.24
C SER A 66 -18.63 11.50 -29.19
N VAL A 67 -17.51 10.83 -29.45
CA VAL A 67 -16.19 11.42 -29.27
C VAL A 67 -15.31 11.41 -30.54
N ARG A 68 -15.94 11.21 -31.71
CA ARG A 68 -15.23 11.17 -33.00
CA ARG A 68 -15.24 11.18 -33.00
C ARG A 68 -14.34 12.40 -33.20
N LYS A 69 -14.85 13.57 -32.86
CA LYS A 69 -14.13 14.84 -33.08
C LYS A 69 -12.79 14.94 -32.32
N TYR A 70 -12.65 14.14 -31.26
CA TYR A 70 -11.52 14.23 -30.33
C TYR A 70 -10.54 13.06 -30.42
N SER A 71 -10.64 12.23 -31.45
CA SER A 71 -9.81 11.02 -31.52
C SER A 71 -8.31 11.29 -31.67
N ARG A 72 -7.94 12.45 -32.20
CA ARG A 72 -6.53 12.89 -32.28
CA ARG A 72 -6.52 12.77 -32.26
C ARG A 72 -6.00 13.24 -30.90
N GLN A 73 -6.92 13.59 -30.00
CA GLN A 73 -6.58 14.09 -28.66
C GLN A 73 -6.44 12.96 -27.63
N ILE A 74 -7.08 11.82 -27.92
CA ILE A 74 -7.00 10.66 -27.05
C ILE A 74 -5.63 9.95 -27.18
N PRO A 75 -4.89 9.85 -26.05
CA PRO A 75 -3.58 9.20 -26.11
C PRO A 75 -3.70 7.77 -26.60
N ASP A 76 -2.79 7.37 -27.47
CA ASP A 76 -2.81 6.03 -28.01
C ASP A 76 -2.06 5.11 -27.03
N HIS A 77 -2.60 5.00 -25.82
CA HIS A 77 -2.05 4.16 -24.76
C HIS A 77 -3.22 3.43 -24.11
N LYS A 78 -3.00 2.16 -23.75
CA LYS A 78 -4.03 1.43 -23.03
C LYS A 78 -4.30 2.17 -21.71
N GLU A 79 -5.57 2.27 -21.36
CA GLU A 79 -6.05 3.00 -20.18
C GLU A 79 -5.84 4.51 -20.26
N GLY A 80 -5.55 5.03 -21.46
CA GLY A 80 -5.36 6.49 -21.63
C GLY A 80 -6.69 7.20 -21.78
N TYR A 81 -6.71 8.53 -21.63
CA TYR A 81 -7.94 9.30 -21.84
C TYR A 81 -7.59 10.78 -22.09
N TYR A 82 -8.54 11.49 -22.69
CA TYR A 82 -8.51 12.93 -22.84
C TYR A 82 -9.69 13.46 -22.07
N LEU A 83 -9.48 14.53 -21.33
CA LEU A 83 -10.52 15.18 -20.56
C LEU A 83 -10.37 16.67 -20.81
N SER A 84 -11.50 17.32 -21.06
CA SER A 84 -11.53 18.74 -21.38
C SER A 84 -12.73 19.36 -20.70
N VAL A 85 -12.51 20.47 -20.01
CA VAL A 85 -13.58 21.28 -19.45
C VAL A 85 -13.44 22.70 -19.99
N ASN A 86 -14.52 23.22 -20.57
CA ASN A 86 -14.63 24.65 -20.83
C ASN A 86 -16.08 25.12 -20.72
N GLU A 87 -16.28 26.42 -20.91
CA GLU A 87 -17.58 27.05 -20.88
C GLU A 87 -18.64 26.35 -21.74
N LYS A 88 -18.22 25.91 -22.93
CA LYS A 88 -19.13 25.30 -23.92
C LYS A 88 -19.46 23.85 -23.64
N GLU A 89 -18.47 23.05 -23.25
CA GLU A 89 -18.66 21.60 -23.07
C GLU A 89 -17.61 20.90 -22.24
N ILE A 90 -17.92 19.66 -21.87
CA ILE A 90 -17.05 18.78 -21.12
C ILE A 90 -16.81 17.52 -21.97
N VAL A 91 -15.53 17.16 -22.15
CA VAL A 91 -15.16 15.94 -22.90
C VAL A 91 -14.50 14.94 -21.95
N LEU A 92 -14.97 13.69 -22.00
CA LEU A 92 -14.47 12.57 -21.23
C LEU A 92 -14.36 11.40 -22.17
N ALA A 93 -13.15 11.22 -22.70
CA ALA A 93 -12.93 10.30 -23.79
C ALA A 93 -11.74 9.36 -23.54
N GLY A 94 -12.03 8.07 -23.39
CA GLY A 94 -10.98 7.09 -23.13
C GLY A 94 -10.42 6.49 -24.40
N ASN A 95 -9.17 6.05 -24.35
CA ASN A 95 -8.70 5.21 -25.43
C ASN A 95 -9.45 3.88 -25.45
N ASP A 96 -9.89 3.45 -24.27
CA ASP A 96 -10.61 2.16 -24.11
C ASP A 96 -11.57 2.32 -22.94
N GLU A 97 -12.36 1.30 -22.62
CA GLU A 97 -13.37 1.41 -21.56
C GLU A 97 -12.77 1.83 -20.19
N ARG A 98 -11.66 1.20 -19.82
CA ARG A 98 -11.01 1.53 -18.53
C ARG A 98 -10.52 2.97 -18.57
N GLY A 99 -10.03 3.41 -19.72
CA GLY A 99 -9.61 4.81 -19.82
C GLY A 99 -10.72 5.83 -19.62
N THR A 100 -11.94 5.52 -20.06
CA THR A 100 -13.07 6.43 -19.84
C THR A 100 -13.42 6.52 -18.34
N TYR A 101 -13.36 5.36 -17.68
CA TYR A 101 -13.57 5.28 -16.23
C TYR A 101 -12.53 6.14 -15.53
N TYR A 102 -11.26 6.03 -15.94
CA TYR A 102 -10.17 6.87 -15.37
C TYR A 102 -10.36 8.38 -15.60
N ALA A 103 -10.95 8.73 -16.74
CA ALA A 103 -11.28 10.15 -17.03
C ALA A 103 -12.20 10.63 -15.94
N LEU A 104 -13.18 9.81 -15.60
CA LEU A 104 -14.18 10.16 -14.59
C LEU A 104 -13.56 10.28 -13.20
N GLN A 105 -12.58 9.41 -12.90
CA GLN A 105 -11.89 9.49 -11.61
C GLN A 105 -11.10 10.76 -11.46
N THR A 106 -10.50 11.27 -12.54
CA THR A 106 -9.88 12.61 -12.50
C THR A 106 -10.97 13.70 -12.45
N PHE A 107 -12.04 13.52 -13.23
CA PHE A 107 -13.16 14.48 -13.21
C PHE A 107 -13.68 14.70 -11.78
N ALA A 108 -14.06 13.62 -11.10
CA ALA A 108 -14.46 13.65 -9.68
C ALA A 108 -13.57 14.48 -8.74
N GLN A 109 -12.25 14.49 -8.97
CA GLN A 109 -11.31 15.28 -8.18
C GLN A 109 -11.29 16.76 -8.54
N LEU A 110 -11.59 17.08 -9.80
CA LEU A 110 -11.64 18.47 -10.27
C LEU A 110 -12.84 19.23 -9.71
N LEU A 111 -13.94 18.51 -9.51
CA LEU A 111 -15.22 19.11 -9.17
C LEU A 111 -15.26 19.46 -7.69
N LYS A 112 -15.02 20.74 -7.38
CA LYS A 112 -15.04 21.26 -6.01
C LYS A 112 -16.13 22.32 -5.78
N ASP A 113 -17.15 21.96 -5.00
CA ASP A 113 -18.30 22.82 -4.66
C ASP A 113 -19.11 23.19 -5.91
N GLY A 114 -19.61 22.15 -6.59
CA GLY A 114 -20.38 22.30 -7.85
C GLY A 114 -19.70 23.09 -8.97
N LYS A 115 -18.41 23.42 -8.77
CA LYS A 115 -17.60 24.16 -9.73
C LYS A 115 -16.39 23.35 -10.25
N LEU A 116 -15.93 23.69 -11.45
CA LEU A 116 -14.81 23.01 -12.12
C LEU A 116 -13.80 24.01 -12.63
N PRO A 117 -12.52 23.64 -12.71
CA PRO A 117 -11.64 24.56 -13.42
C PRO A 117 -11.71 24.29 -14.91
N GLU A 118 -11.34 25.26 -15.72
CA GLU A 118 -11.21 25.02 -17.15
C GLU A 118 -9.86 24.36 -17.35
N VAL A 119 -9.87 23.15 -17.92
CA VAL A 119 -8.68 22.29 -17.98
C VAL A 119 -8.63 21.48 -19.25
N GLU A 120 -7.41 21.13 -19.65
CA GLU A 120 -7.22 20.08 -20.64
C GLU A 120 -6.19 19.07 -20.11
N ILE A 121 -6.51 17.79 -20.20
CA ILE A 121 -5.66 16.73 -19.66
C ILE A 121 -5.56 15.61 -20.67
N LYS A 122 -4.34 15.12 -20.86
CA LYS A 122 -4.12 13.91 -21.62
C LYS A 122 -3.31 13.03 -20.70
N ASP A 123 -3.78 11.81 -20.45
CA ASP A 123 -3.22 10.99 -19.35
C ASP A 123 -3.26 9.51 -19.71
N TYR A 124 -2.38 8.76 -19.07
CA TYR A 124 -2.26 7.33 -19.27
C TYR A 124 -1.25 6.86 -18.22
N PRO A 125 -1.27 5.56 -17.89
CA PRO A 125 -0.29 5.09 -16.91
C PRO A 125 1.07 4.76 -17.50
N SER A 126 2.14 4.97 -16.74
CA SER A 126 3.46 4.58 -17.16
C SER A 126 3.73 3.09 -16.95
N VAL A 127 3.07 2.48 -15.95
CA VAL A 127 3.25 1.05 -15.65
C VAL A 127 1.97 0.31 -15.95
N ARG A 128 2.06 -0.79 -16.69
CA ARG A 128 0.84 -1.44 -17.23
C ARG A 128 -0.09 -2.02 -16.14
N TYR A 129 0.49 -2.74 -15.16
CA TYR A 129 -0.32 -3.26 -14.06
C TYR A 129 0.06 -2.65 -12.73
N ARG A 130 -0.96 -2.21 -12.00
CA ARG A 130 -0.73 -1.38 -10.80
C ARG A 130 -1.72 -1.77 -9.72
N GLY A 131 -1.23 -2.12 -8.52
CA GLY A 131 -2.18 -2.50 -7.48
C GLY A 131 -1.59 -3.11 -6.23
N VAL A 132 -2.35 -4.07 -5.69
CA VAL A 132 -2.11 -4.60 -4.37
C VAL A 132 -2.09 -6.12 -4.48
N VAL A 133 -1.15 -6.78 -3.80
CA VAL A 133 -1.26 -8.23 -3.67
C VAL A 133 -1.57 -8.47 -2.20
N GLU A 134 -2.74 -9.00 -1.91
CA GLU A 134 -3.04 -9.38 -0.50
C GLU A 134 -2.34 -10.70 -0.28
N GLY A 135 -1.04 -10.63 0.02
CA GLY A 135 -0.17 -11.80 -0.08
C GLY A 135 0.60 -12.08 1.20
N PHE A 136 0.15 -11.48 2.31
CA PHE A 136 0.86 -11.58 3.61
C PHE A 136 0.49 -12.85 4.44
N TYR A 137 1.29 -13.14 5.46
CA TYR A 137 0.94 -14.08 6.57
C TYR A 137 0.18 -13.35 7.67
N GLY A 138 -0.83 -14.01 8.23
CA GLY A 138 -1.62 -13.43 9.31
C GLY A 138 -3.12 -13.46 8.97
N THR A 139 -3.92 -12.82 9.79
CA THR A 139 -5.34 -12.77 9.55
C THR A 139 -5.64 -12.06 8.22
N PRO A 140 -6.23 -12.79 7.25
CA PRO A 140 -6.53 -12.16 5.99
C PRO A 140 -7.56 -11.06 6.19
N TRP A 141 -7.56 -10.08 5.30
CA TRP A 141 -8.51 -8.97 5.41
C TRP A 141 -9.95 -9.49 5.49
N SER A 142 -10.82 -8.78 6.19
CA SER A 142 -12.27 -9.15 6.23
C SER A 142 -12.96 -8.87 4.89
N HIS A 143 -14.10 -9.52 4.65
CA HIS A 143 -14.86 -9.24 3.45
C HIS A 143 -15.19 -7.74 3.26
N GLN A 144 -15.61 -7.09 4.34
CA GLN A 144 -15.94 -5.67 4.24
C GLN A 144 -14.69 -4.83 3.97
N ALA A 145 -13.57 -5.17 4.61
CA ALA A 145 -12.32 -4.47 4.28
C ALA A 145 -11.99 -4.57 2.80
N ARG A 146 -12.12 -5.77 2.22
CA ARG A 146 -11.81 -5.95 0.78
C ARG A 146 -12.78 -5.17 -0.13
N LEU A 147 -14.06 -5.12 0.24
CA LEU A 147 -15.01 -4.32 -0.54
C LEU A 147 -14.59 -2.84 -0.59
N SER A 148 -14.21 -2.30 0.55
CA SER A 148 -13.72 -0.94 0.65
C SER A 148 -12.42 -0.75 -0.15
N GLN A 149 -11.53 -1.74 -0.09
CA GLN A 149 -10.29 -1.70 -0.86
C GLN A 149 -10.52 -1.54 -2.35
N LEU A 150 -11.43 -2.34 -2.90
CA LEU A 150 -11.68 -2.36 -4.34
C LEU A 150 -12.13 -1.02 -4.86
N LYS A 151 -12.98 -0.35 -4.07
CA LYS A 151 -13.49 0.95 -4.46
C LYS A 151 -12.37 1.98 -4.45
N PHE A 152 -11.47 1.85 -3.46
CA PHE A 152 -10.33 2.75 -3.31
C PHE A 152 -9.38 2.54 -4.48
N TYR A 153 -9.24 1.28 -4.92
CA TYR A 153 -8.33 1.00 -6.03
C TYR A 153 -8.87 1.72 -7.26
N GLY A 154 -10.16 1.59 -7.51
CA GLY A 154 -10.80 2.26 -8.64
C GLY A 154 -10.56 3.75 -8.66
N LYS A 155 -10.70 4.39 -7.50
CA LYS A 155 -10.54 5.84 -7.40
C LYS A 155 -9.12 6.27 -7.70
N ASN A 156 -8.15 5.41 -7.40
CA ASN A 156 -6.74 5.74 -7.57
C ASN A 156 -6.10 5.07 -8.78
N LYS A 157 -6.97 4.55 -9.65
CA LYS A 157 -6.54 3.99 -10.94
C LYS A 157 -5.59 2.81 -10.79
N MET A 158 -5.76 2.05 -9.70
CA MET A 158 -5.09 0.78 -9.61
C MET A 158 -5.97 -0.25 -10.31
N ASN A 159 -5.38 -1.02 -11.21
CA ASN A 159 -6.18 -1.97 -12.03
C ASN A 159 -6.03 -3.43 -11.63
N THR A 160 -5.30 -3.69 -10.53
CA THR A 160 -4.90 -5.05 -10.15
C THR A 160 -5.09 -5.33 -8.67
N TYR A 161 -5.81 -6.41 -8.39
CA TYR A 161 -5.90 -6.91 -7.02
C TYR A 161 -5.60 -8.36 -7.10
N ILE A 162 -4.48 -8.76 -6.51
CA ILE A 162 -4.10 -10.17 -6.48
C ILE A 162 -4.45 -10.76 -5.11
N TYR A 163 -5.36 -11.71 -5.11
CA TYR A 163 -5.84 -12.36 -3.90
C TYR A 163 -4.90 -13.55 -3.62
N GLY A 164 -4.15 -13.50 -2.51
CA GLY A 164 -3.30 -14.64 -2.13
C GLY A 164 -2.88 -14.67 -0.66
N PRO A 165 -3.85 -14.59 0.29
CA PRO A 165 -3.43 -14.55 1.69
C PRO A 165 -2.83 -15.87 2.03
N LYS A 166 -1.59 -15.85 2.56
CA LYS A 166 -0.86 -17.09 2.85
C LYS A 166 -1.63 -18.09 3.76
N ASP A 167 -2.41 -17.56 4.69
CA ASP A 167 -3.15 -18.40 5.63
C ASP A 167 -4.58 -18.82 5.20
N ASP A 168 -4.96 -18.54 3.95
CA ASP A 168 -6.22 -19.02 3.39
C ASP A 168 -5.99 -20.46 2.92
N PRO A 169 -6.61 -21.45 3.60
CA PRO A 169 -6.34 -22.84 3.29
C PRO A 169 -6.80 -23.25 1.88
N TYR A 170 -7.71 -22.50 1.27
CA TYR A 170 -8.14 -22.77 -0.13
C TYR A 170 -7.24 -22.11 -1.19
N HIS A 171 -6.29 -21.28 -0.72
CA HIS A 171 -5.28 -20.68 -1.60
C HIS A 171 -3.99 -21.52 -1.54
N SER A 172 -3.62 -21.98 -0.35
CA SER A 172 -2.33 -22.64 -0.16
C SER A 172 -2.50 -24.03 0.48
N ALA A 173 -1.58 -24.40 1.36
CA ALA A 173 -1.72 -25.64 2.18
C ALA A 173 -2.87 -25.56 3.12
N PRO A 174 -3.63 -26.66 3.26
CA PRO A 174 -3.56 -27.92 2.51
C PRO A 174 -4.65 -28.13 1.45
N ASN A 175 -5.59 -27.18 1.31
CA ASN A 175 -6.80 -27.36 0.50
C ASN A 175 -6.86 -26.54 -0.81
N TRP A 176 -5.71 -26.20 -1.40
CA TRP A 176 -5.73 -25.56 -2.73
C TRP A 176 -6.46 -26.39 -3.79
N ARG A 177 -6.52 -27.70 -3.62
CA ARG A 177 -7.22 -28.57 -4.60
C ARG A 177 -8.78 -28.53 -4.49
N LEU A 178 -9.30 -28.02 -3.38
CA LEU A 178 -10.75 -28.00 -3.09
C LEU A 178 -11.39 -26.67 -3.44
N PRO A 179 -12.63 -26.69 -4.01
CA PRO A 179 -13.34 -25.44 -4.17
C PRO A 179 -13.66 -24.80 -2.83
N TYR A 180 -13.82 -23.49 -2.82
CA TYR A 180 -14.31 -22.74 -1.66
C TYR A 180 -15.68 -23.25 -1.23
N PRO A 181 -15.94 -23.35 0.09
CA PRO A 181 -17.32 -23.62 0.55
C PRO A 181 -18.25 -22.51 0.03
N ASP A 182 -19.56 -22.75 0.08
CA ASP A 182 -20.56 -21.80 -0.45
C ASP A 182 -20.48 -20.37 0.05
N LYS A 183 -20.32 -20.17 1.35
CA LYS A 183 -20.33 -18.82 1.91
C LYS A 183 -19.14 -18.03 1.37
N GLU A 184 -17.94 -18.58 1.48
CA GLU A 184 -16.75 -17.98 0.92
C GLU A 184 -16.84 -17.76 -0.58
N ALA A 185 -17.38 -18.72 -1.33
CA ALA A 185 -17.57 -18.58 -2.77
C ALA A 185 -18.49 -17.41 -3.14
N ALA A 186 -19.59 -17.25 -2.41
CA ALA A 186 -20.52 -16.16 -2.75
C ALA A 186 -19.88 -14.81 -2.38
N GLN A 187 -19.03 -14.84 -1.36
CA GLN A 187 -18.24 -13.65 -0.99
C GLN A 187 -17.25 -13.29 -2.09
N LEU A 188 -16.47 -14.27 -2.56
CA LEU A 188 -15.55 -14.06 -3.68
C LEU A 188 -16.30 -13.56 -4.93
N GLN A 189 -17.46 -14.14 -5.20
CA GLN A 189 -18.28 -13.71 -6.32
C GLN A 189 -18.67 -12.22 -6.21
N GLU A 190 -19.07 -11.78 -5.02
CA GLU A 190 -19.34 -10.38 -4.80
C GLU A 190 -18.07 -9.51 -4.97
N LEU A 191 -16.94 -9.95 -4.40
CA LEU A 191 -15.66 -9.23 -4.65
C LEU A 191 -15.38 -9.05 -6.13
N VAL A 192 -15.56 -10.13 -6.92
CA VAL A 192 -15.32 -10.04 -8.35
C VAL A 192 -16.26 -8.99 -9.01
N ALA A 193 -17.52 -8.98 -8.64
CA ALA A 193 -18.47 -8.03 -9.23
C ALA A 193 -18.07 -6.56 -8.87
N VAL A 194 -17.64 -6.33 -7.62
CA VAL A 194 -17.23 -4.99 -7.17
C VAL A 194 -15.94 -4.60 -7.90
N ALA A 195 -14.99 -5.55 -8.01
CA ALA A 195 -13.78 -5.29 -8.77
C ALA A 195 -14.09 -4.87 -10.19
N ASN A 196 -14.93 -5.66 -10.85
CA ASN A 196 -15.35 -5.39 -12.25
C ASN A 196 -15.92 -3.95 -12.39
N GLU A 197 -16.85 -3.60 -11.49
CA GLU A 197 -17.46 -2.24 -11.49
C GLU A 197 -16.47 -1.12 -11.25
N ASN A 198 -15.31 -1.45 -10.68
CA ASN A 198 -14.30 -0.45 -10.37
C ASN A 198 -13.09 -0.56 -11.27
N GLU A 199 -13.25 -1.33 -12.35
CA GLU A 199 -12.18 -1.55 -13.35
C GLU A 199 -10.89 -2.18 -12.78
N VAL A 200 -11.08 -3.02 -11.76
CA VAL A 200 -9.97 -3.77 -11.19
C VAL A 200 -9.99 -5.21 -11.67
N ASP A 201 -8.89 -5.70 -12.23
CA ASP A 201 -8.71 -7.15 -12.45
C ASP A 201 -8.57 -7.88 -11.12
N PHE A 202 -9.54 -8.73 -10.77
CA PHE A 202 -9.37 -9.61 -9.61
C PHE A 202 -8.53 -10.78 -10.08
N VAL A 203 -7.32 -10.91 -9.53
CA VAL A 203 -6.40 -11.98 -9.90
C VAL A 203 -6.44 -13.02 -8.79
N TRP A 204 -7.01 -14.18 -9.05
CA TRP A 204 -7.00 -15.20 -8.01
C TRP A 204 -5.72 -16.02 -8.13
N ALA A 205 -4.94 -16.02 -7.06
CA ALA A 205 -3.71 -16.80 -6.96
C ALA A 205 -3.87 -18.14 -6.23
N ILE A 206 -3.09 -19.12 -6.64
CA ILE A 206 -3.03 -20.42 -5.98
C ILE A 206 -1.60 -20.67 -5.59
N HIS A 207 -1.40 -21.41 -4.49
CA HIS A 207 -0.08 -21.60 -3.91
C HIS A 207 0.11 -23.12 -3.63
N PRO A 208 0.37 -23.91 -4.69
CA PRO A 208 0.36 -25.40 -4.63
C PRO A 208 1.70 -26.09 -4.37
N GLY A 209 2.79 -25.33 -4.41
CA GLY A 209 4.11 -25.91 -4.53
C GLY A 209 4.61 -26.77 -3.39
N GLN A 210 4.12 -26.53 -2.18
CA GLN A 210 4.61 -27.27 -1.02
C GLN A 210 4.29 -28.79 -1.14
N ASP A 211 3.16 -29.16 -1.75
CA ASP A 211 2.81 -30.57 -1.84
C ASP A 211 2.38 -31.06 -3.24
N ILE A 212 2.57 -30.22 -4.25
CA ILE A 212 2.26 -30.61 -5.63
C ILE A 212 3.11 -31.83 -6.09
N LYS A 213 2.48 -32.71 -6.86
CA LYS A 213 3.19 -33.77 -7.56
C LYS A 213 3.19 -33.41 -9.03
N TRP A 214 4.32 -33.66 -9.67
CA TRP A 214 4.45 -33.42 -11.09
C TRP A 214 3.88 -34.62 -11.91
N ASN A 215 2.57 -34.78 -11.81
CA ASN A 215 1.82 -35.79 -12.54
C ASN A 215 0.50 -35.16 -13.06
N LYS A 216 -0.18 -35.87 -13.96
CA LYS A 216 -1.43 -35.40 -14.56
C LYS A 216 -2.54 -35.13 -13.56
N GLU A 217 -2.58 -35.91 -12.49
CA GLU A 217 -3.65 -35.76 -11.51
C GLU A 217 -3.64 -34.40 -10.79
N ASP A 218 -2.46 -33.96 -10.31
CA ASP A 218 -2.37 -32.62 -9.69
C ASP A 218 -2.51 -31.49 -10.67
N ARG A 219 -2.02 -31.70 -11.89
CA ARG A 219 -2.13 -30.76 -12.99
C ARG A 219 -3.62 -30.55 -13.20
N ASP A 220 -4.36 -31.65 -13.31
CA ASP A 220 -5.77 -31.59 -13.60
C ASP A 220 -6.60 -30.97 -12.49
N LEU A 221 -6.27 -31.26 -11.22
CA LEU A 221 -6.92 -30.65 -10.02
C LEU A 221 -6.72 -29.12 -9.91
N LEU A 222 -5.54 -28.66 -10.27
CA LEU A 222 -5.25 -27.21 -10.30
C LEU A 222 -6.14 -26.55 -11.37
N LEU A 223 -6.19 -27.14 -12.56
CA LEU A 223 -7.04 -26.58 -13.62
C LEU A 223 -8.52 -26.63 -13.27
N ALA A 224 -8.92 -27.67 -12.54
CA ALA A 224 -10.32 -27.79 -12.13
C ALA A 224 -10.64 -26.70 -11.11
N LYS A 225 -9.69 -26.42 -10.23
CA LYS A 225 -9.87 -25.32 -9.27
C LYS A 225 -10.00 -23.97 -9.98
N PHE A 226 -9.09 -23.69 -10.92
CA PHE A 226 -9.20 -22.50 -11.77
C PHE A 226 -10.55 -22.44 -12.47
N GLU A 227 -11.02 -23.58 -12.97
CA GLU A 227 -12.36 -23.59 -13.58
C GLU A 227 -13.45 -23.17 -12.59
N LYS A 228 -13.40 -23.66 -11.35
CA LYS A 228 -14.42 -23.24 -10.38
C LYS A 228 -14.32 -21.72 -10.11
N MET A 229 -13.08 -21.21 -10.06
CA MET A 229 -12.89 -19.75 -9.82
C MET A 229 -13.46 -18.94 -10.99
N TYR A 230 -13.20 -19.43 -12.20
CA TYR A 230 -13.73 -18.86 -13.43
C TYR A 230 -15.27 -18.82 -13.36
N GLN A 231 -15.87 -19.88 -12.83
CA GLN A 231 -17.33 -19.86 -12.69
C GLN A 231 -17.84 -18.83 -11.68
N LEU A 232 -16.96 -18.40 -10.77
CA LEU A 232 -17.32 -17.33 -9.82
C LEU A 232 -17.08 -15.95 -10.42
N GLY A 233 -16.59 -15.92 -11.67
CA GLY A 233 -16.42 -14.65 -12.35
C GLY A 233 -14.95 -14.24 -12.51
N VAL A 234 -14.04 -15.00 -11.90
CA VAL A 234 -12.62 -14.65 -11.94
C VAL A 234 -12.07 -14.74 -13.37
N ARG A 235 -11.36 -13.68 -13.81
CA ARG A 235 -10.79 -13.65 -15.18
C ARG A 235 -9.26 -13.44 -15.25
N SER A 236 -8.58 -13.38 -14.11
CA SER A 236 -7.09 -13.35 -14.11
C SER A 236 -6.63 -14.28 -13.03
N PHE A 237 -5.46 -14.90 -13.22
CA PHE A 237 -5.04 -16.03 -12.42
C PHE A 237 -3.56 -15.93 -12.14
N ALA A 238 -3.11 -16.55 -11.04
CA ALA A 238 -1.68 -16.59 -10.73
C ALA A 238 -1.34 -17.87 -10.02
N VAL A 239 -0.09 -18.28 -10.16
CA VAL A 239 0.42 -19.45 -9.47
C VAL A 239 1.70 -19.03 -8.73
N PHE A 240 1.70 -19.24 -7.41
CA PHE A 240 2.80 -18.77 -6.57
C PHE A 240 3.66 -19.97 -6.14
N PHE A 241 4.96 -19.86 -6.34
CA PHE A 241 5.90 -20.93 -5.92
C PHE A 241 6.91 -20.40 -4.91
N ASP A 242 6.51 -19.41 -4.13
CA ASP A 242 7.40 -18.80 -3.13
C ASP A 242 7.41 -19.59 -1.82
N ASP A 243 8.55 -19.58 -1.13
CA ASP A 243 8.62 -20.15 0.24
C ASP A 243 8.27 -21.64 0.30
N ILE A 244 8.78 -22.40 -0.66
CA ILE A 244 8.59 -23.84 -0.66
C ILE A 244 9.95 -24.53 -0.85
N SER A 245 10.00 -25.82 -0.53
CA SER A 245 11.20 -26.65 -0.62
C SER A 245 10.83 -27.95 -1.31
N GLY A 246 11.76 -28.51 -2.06
CA GLY A 246 11.56 -29.84 -2.59
C GLY A 246 11.18 -29.83 -4.05
N GLU A 247 10.45 -30.87 -4.45
CA GLU A 247 10.20 -31.08 -5.86
C GLU A 247 9.42 -29.93 -6.51
N GLY A 248 8.55 -29.25 -5.77
CA GLY A 248 7.73 -28.10 -6.31
C GLY A 248 8.58 -26.94 -6.83
N THR A 249 9.88 -26.94 -6.48
CA THR A 249 10.84 -25.89 -6.84
C THR A 249 11.46 -26.07 -8.23
N ASN A 250 11.10 -27.15 -8.94
CA ASN A 250 11.75 -27.44 -10.22
C ASN A 250 11.28 -26.45 -11.29
N PRO A 251 12.20 -25.63 -11.86
CA PRO A 251 11.75 -24.53 -12.76
C PRO A 251 11.25 -25.02 -14.11
N GLN A 252 11.82 -26.14 -14.57
CA GLN A 252 11.36 -26.74 -15.82
C GLN A 252 9.89 -27.20 -15.69
N LYS A 253 9.56 -27.90 -14.61
CA LYS A 253 8.19 -28.36 -14.35
C LYS A 253 7.21 -27.21 -14.08
N GLN A 254 7.68 -26.20 -13.35
CA GLN A 254 6.89 -24.99 -13.10
C GLN A 254 6.53 -24.32 -14.41
N ALA A 255 7.51 -24.14 -15.30
CA ALA A 255 7.25 -23.49 -16.58
C ALA A 255 6.30 -24.35 -17.43
N GLU A 256 6.52 -25.67 -17.44
CA GLU A 256 5.63 -26.58 -18.18
C GLU A 256 4.17 -26.47 -17.69
N LEU A 257 4.00 -26.39 -16.38
CA LEU A 257 2.69 -26.27 -15.78
C LEU A 257 2.02 -24.97 -16.17
N LEU A 258 2.74 -23.85 -16.03
CA LEU A 258 2.18 -22.55 -16.40
C LEU A 258 1.90 -22.44 -17.90
N ASN A 259 2.77 -23.05 -18.72
CA ASN A 259 2.57 -23.08 -20.17
C ASN A 259 1.33 -23.91 -20.54
N TYR A 260 1.11 -24.98 -19.80
CA TYR A 260 -0.10 -25.79 -19.93
C TYR A 260 -1.36 -25.03 -19.52
N ILE A 261 -1.33 -24.35 -18.37
CA ILE A 261 -2.44 -23.47 -17.95
C ILE A 261 -2.72 -22.42 -19.03
N ASP A 262 -1.66 -21.80 -19.57
CA ASP A 262 -1.77 -20.82 -20.65
C ASP A 262 -2.45 -21.42 -21.87
N GLU A 263 -1.89 -22.53 -22.37
CA GLU A 263 -2.38 -23.13 -23.63
C GLU A 263 -3.78 -23.79 -23.51
N LYS A 264 -4.04 -24.42 -22.37
CA LYS A 264 -5.27 -25.16 -22.18
C LYS A 264 -6.42 -24.40 -21.54
N PHE A 265 -6.16 -23.18 -21.08
CA PHE A 265 -7.15 -22.48 -20.24
C PHE A 265 -7.18 -21.00 -20.60
N ALA A 266 -6.07 -20.29 -20.43
CA ALA A 266 -6.02 -18.86 -20.74
C ALA A 266 -6.17 -18.54 -22.25
N GLN A 267 -5.77 -19.50 -23.09
CA GLN A 267 -5.88 -19.36 -24.56
C GLN A 267 -7.11 -20.09 -25.12
N VAL A 268 -7.92 -20.63 -24.23
CA VAL A 268 -9.16 -21.31 -24.60
C VAL A 268 -10.40 -20.49 -24.15
N LYS A 269 -10.32 -19.86 -22.99
CA LYS A 269 -11.38 -18.91 -22.62
C LYS A 269 -11.28 -17.66 -23.51
N PRO A 270 -12.44 -16.98 -23.76
CA PRO A 270 -12.45 -15.75 -24.58
C PRO A 270 -11.93 -14.49 -23.91
N ASP A 271 -11.75 -14.52 -22.58
CA ASP A 271 -11.70 -13.29 -21.79
C ASP A 271 -10.76 -13.34 -20.57
N ILE A 272 -9.70 -14.12 -20.65
CA ILE A 272 -8.78 -14.12 -19.53
C ILE A 272 -7.76 -13.00 -19.73
N ASN A 273 -7.54 -12.21 -18.68
CA ASN A 273 -6.61 -11.08 -18.74
C ASN A 273 -5.18 -11.45 -18.33
N GLN A 274 -4.90 -11.42 -17.03
CA GLN A 274 -3.52 -11.63 -16.56
C GLN A 274 -3.26 -13.07 -16.17
N LEU A 275 -2.09 -13.58 -16.53
CA LEU A 275 -1.58 -14.88 -16.04
C LEU A 275 -0.21 -14.58 -15.49
N VAL A 276 -0.03 -14.82 -14.18
CA VAL A 276 1.15 -14.39 -13.44
C VAL A 276 1.72 -15.54 -12.63
N MET A 277 3.03 -15.62 -12.50
CA MET A 277 3.60 -16.56 -11.55
C MET A 277 4.58 -15.88 -10.57
N CYS A 278 4.62 -16.36 -9.33
CA CYS A 278 5.69 -15.95 -8.41
C CYS A 278 6.71 -17.06 -8.34
N PRO A 279 7.97 -16.75 -8.67
CA PRO A 279 9.02 -17.76 -8.66
C PRO A 279 9.50 -18.17 -7.25
N THR A 280 10.09 -19.35 -7.16
CA THR A 280 10.70 -19.83 -5.93
C THR A 280 11.88 -18.91 -5.53
N GLU A 281 12.71 -18.56 -6.50
CA GLU A 281 13.74 -17.51 -6.29
C GLU A 281 13.13 -16.21 -6.70
N TYR A 282 12.70 -15.36 -5.74
CA TYR A 282 11.94 -14.16 -6.10
C TYR A 282 12.71 -12.93 -5.67
N ASN A 283 13.95 -13.11 -5.21
CA ASN A 283 14.81 -11.98 -4.97
C ASN A 283 16.29 -12.37 -5.22
N LYS A 284 17.13 -11.37 -5.47
CA LYS A 284 18.50 -11.64 -5.96
C LYS A 284 19.27 -12.36 -4.89
N SER A 285 19.10 -11.88 -3.65
CA SER A 285 19.94 -12.39 -2.58
C SER A 285 19.65 -13.86 -2.20
N TRP A 286 18.43 -14.34 -2.50
CA TRP A 286 18.11 -15.75 -2.28
C TRP A 286 18.14 -16.61 -3.60
N SER A 287 18.79 -16.07 -4.63
CA SER A 287 18.96 -16.73 -5.91
C SER A 287 20.31 -17.49 -5.84
N ASN A 288 20.33 -18.77 -6.23
CA ASN A 288 21.59 -19.53 -6.33
C ASN A 288 22.39 -19.03 -7.55
N PRO A 289 23.56 -18.37 -7.33
CA PRO A 289 24.34 -17.87 -8.46
C PRO A 289 25.00 -18.98 -9.32
N ASN A 290 25.01 -20.20 -8.80
CA ASN A 290 25.55 -21.34 -9.57
C ASN A 290 24.45 -22.24 -10.09
N GLY A 291 23.20 -21.78 -9.95
CA GLY A 291 22.06 -22.48 -10.44
C GLY A 291 21.61 -21.86 -11.75
N ASN A 292 20.56 -22.42 -12.32
CA ASN A 292 20.01 -21.88 -13.55
C ASN A 292 18.49 -21.65 -13.44
N TYR A 293 18.02 -21.49 -12.20
CA TYR A 293 16.60 -21.41 -11.95
C TYR A 293 15.97 -20.30 -12.80
N LEU A 294 16.49 -19.08 -12.68
CA LEU A 294 15.84 -17.91 -13.26
C LEU A 294 15.95 -17.89 -14.79
N THR A 295 17.11 -18.28 -15.30
CA THR A 295 17.27 -18.41 -16.75
C THR A 295 16.38 -19.49 -17.37
N THR A 296 16.20 -20.62 -16.67
CA THR A 296 15.26 -21.66 -17.12
C THR A 296 13.84 -21.10 -17.26
N LEU A 297 13.32 -20.45 -16.21
CA LEU A 297 12.03 -19.78 -16.34
C LEU A 297 12.01 -18.80 -17.50
N GLY A 298 13.04 -17.95 -17.60
CA GLY A 298 13.05 -16.90 -18.64
C GLY A 298 12.99 -17.45 -20.05
N ASP A 299 13.71 -18.54 -20.28
CA ASP A 299 13.76 -19.24 -21.57
C ASP A 299 12.55 -20.13 -21.84
N LYS A 300 11.98 -20.77 -20.83
CA LYS A 300 10.90 -21.75 -21.05
C LYS A 300 9.48 -21.23 -20.87
N LEU A 301 9.31 -20.20 -20.04
CA LEU A 301 7.98 -19.64 -19.82
C LEU A 301 7.41 -18.90 -21.03
N ASN A 302 6.17 -19.21 -21.42
CA ASN A 302 5.52 -18.46 -22.53
C ASN A 302 5.63 -16.95 -22.27
N PRO A 303 5.87 -16.15 -23.34
CA PRO A 303 6.25 -14.74 -23.15
C PRO A 303 5.13 -13.86 -22.58
N SER A 304 3.87 -14.28 -22.69
CA SER A 304 2.76 -13.53 -22.08
C SER A 304 2.56 -13.78 -20.57
N ILE A 305 3.32 -14.71 -19.99
CA ILE A 305 3.14 -15.02 -18.58
C ILE A 305 4.06 -14.10 -17.75
N GLN A 306 3.50 -13.48 -16.71
CA GLN A 306 4.30 -12.53 -15.92
C GLN A 306 5.11 -13.29 -14.84
N ILE A 307 6.29 -12.76 -14.50
CA ILE A 307 7.09 -13.35 -13.42
C ILE A 307 7.28 -12.25 -12.39
N MET A 308 6.88 -12.54 -11.15
CA MET A 308 7.03 -11.58 -10.03
C MET A 308 8.44 -11.55 -9.43
N TRP A 309 8.77 -10.48 -8.70
CA TRP A 309 10.13 -10.27 -8.20
C TRP A 309 10.04 -9.25 -7.08
N THR A 310 10.71 -9.49 -5.94
CA THR A 310 10.64 -8.58 -4.76
C THR A 310 11.84 -7.60 -4.70
N GLY A 311 12.79 -7.76 -5.63
CA GLY A 311 13.93 -6.82 -5.74
C GLY A 311 15.23 -7.54 -5.35
N ASP A 312 16.21 -6.81 -4.83
CA ASP A 312 17.52 -7.40 -4.51
C ASP A 312 17.48 -8.28 -3.28
N ARG A 313 16.48 -8.08 -2.43
CA ARG A 313 16.38 -8.75 -1.16
C ARG A 313 14.90 -9.11 -0.93
N VAL A 314 14.64 -9.98 0.03
CA VAL A 314 13.26 -10.34 0.39
C VAL A 314 12.43 -9.08 0.53
N ILE A 315 12.92 -8.13 1.34
CA ILE A 315 12.28 -6.83 1.47
C ILE A 315 13.25 -5.79 0.87
N SER A 316 12.86 -5.12 -0.20
CA SER A 316 13.74 -4.10 -0.79
C SER A 316 13.02 -3.13 -1.71
N ASP A 317 13.70 -2.03 -2.03
CA ASP A 317 13.20 -1.05 -2.97
C ASP A 317 13.82 -1.35 -4.33
N ILE A 318 13.18 -0.92 -5.42
CA ILE A 318 13.58 -1.41 -6.74
C ILE A 318 14.53 -0.37 -7.37
N THR A 319 15.70 -0.83 -7.78
CA THR A 319 16.70 0.09 -8.36
C THR A 319 16.88 -0.23 -9.85
N ARG A 320 17.49 0.71 -10.57
CA ARG A 320 17.81 0.48 -11.99
C ARG A 320 18.72 -0.72 -12.17
N ASP A 321 19.74 -0.84 -11.33
CA ASP A 321 20.68 -1.96 -11.42
C ASP A 321 19.98 -3.26 -11.07
N GLY A 322 19.08 -3.19 -10.08
CA GLY A 322 18.32 -4.34 -9.60
C GLY A 322 17.35 -4.90 -10.64
N ILE A 323 16.58 -4.00 -11.27
CA ILE A 323 15.63 -4.41 -12.32
C ILE A 323 16.34 -4.92 -13.57
N SER A 324 17.49 -4.29 -13.91
CA SER A 324 18.38 -4.81 -14.96
C SER A 324 18.81 -6.23 -14.72
N TRP A 325 19.32 -6.52 -13.52
CA TRP A 325 19.79 -7.87 -13.18
C TRP A 325 18.70 -8.92 -13.40
N ILE A 326 17.48 -8.66 -12.90
CA ILE A 326 16.41 -9.65 -13.09
C ILE A 326 15.96 -9.79 -14.55
N ASN A 327 15.76 -8.65 -15.22
CA ASN A 327 15.17 -8.62 -16.55
C ASN A 327 16.05 -9.36 -17.57
N GLU A 328 17.36 -9.22 -17.43
CA GLU A 328 18.34 -9.94 -18.25
C GLU A 328 18.12 -11.44 -18.17
N ARG A 329 17.65 -11.91 -17.02
CA ARG A 329 17.55 -13.34 -16.77
C ARG A 329 16.20 -13.92 -17.15
N ILE A 330 15.14 -13.19 -16.86
CA ILE A 330 13.80 -13.68 -17.12
C ILE A 330 13.33 -13.31 -18.51
N LYS A 331 14.12 -12.50 -19.22
CA LYS A 331 13.91 -12.21 -20.63
C LYS A 331 12.57 -11.49 -20.85
N ARG A 332 12.17 -10.71 -19.85
CA ARG A 332 10.97 -9.90 -19.92
C ARG A 332 10.99 -8.90 -18.76
N PRO A 333 10.13 -7.87 -18.79
CA PRO A 333 10.17 -6.94 -17.65
C PRO A 333 9.48 -7.56 -16.41
N ALA A 334 10.15 -7.48 -15.29
CA ALA A 334 9.64 -8.13 -14.09
C ALA A 334 8.38 -7.44 -13.58
N TYR A 335 7.56 -8.22 -12.88
CA TYR A 335 6.30 -7.77 -12.31
C TYR A 335 6.59 -7.63 -10.81
N ILE A 336 6.77 -6.40 -10.35
CA ILE A 336 7.26 -6.20 -9.00
C ILE A 336 6.25 -6.58 -7.93
N TRP A 337 6.69 -7.40 -6.98
CA TRP A 337 5.96 -7.64 -5.72
C TRP A 337 6.71 -6.80 -4.70
N TRP A 338 6.21 -5.63 -4.31
CA TRP A 338 6.95 -4.82 -3.35
C TRP A 338 6.50 -5.08 -1.92
N ASN A 339 7.43 -5.57 -1.10
CA ASN A 339 7.14 -5.98 0.28
C ASN A 339 7.14 -4.84 1.27
N PHE A 340 6.23 -3.89 1.06
CA PHE A 340 5.98 -2.78 1.94
C PHE A 340 4.56 -2.30 1.59
N PRO A 341 3.74 -1.98 2.59
CA PRO A 341 4.02 -1.92 4.05
C PRO A 341 3.87 -3.21 4.84
N VAL A 342 3.91 -4.37 4.19
CA VAL A 342 3.69 -5.65 4.91
C VAL A 342 4.44 -5.67 6.23
N SER A 343 3.72 -5.98 7.32
CA SER A 343 4.35 -5.96 8.64
C SER A 343 4.31 -7.33 9.30
N ASP A 344 4.16 -8.39 8.50
CA ASP A 344 3.87 -9.72 9.05
C ASP A 344 5.10 -10.35 9.73
N TYR A 345 6.25 -9.70 9.65
CA TYR A 345 7.45 -10.14 10.36
C TYR A 345 7.87 -9.11 11.42
N VAL A 346 7.08 -8.04 11.55
CA VAL A 346 7.23 -7.04 12.65
C VAL A 346 5.84 -6.61 13.09
N ARG A 347 5.06 -7.61 13.50
CA ARG A 347 3.66 -7.50 13.79
C ARG A 347 3.34 -6.58 14.94
N ASP A 348 4.35 -6.22 15.72
CA ASP A 348 4.17 -5.24 16.80
C ASP A 348 4.38 -3.78 16.36
N HIS A 349 4.67 -3.56 15.06
CA HIS A 349 4.83 -2.21 14.52
C HIS A 349 3.76 -1.89 13.48
N LEU A 350 3.31 -0.65 13.44
CA LEU A 350 2.53 -0.11 12.29
C LEU A 350 3.51 0.60 11.36
N LEU A 351 3.36 0.42 10.05
CA LEU A 351 4.27 1.07 9.07
C LEU A 351 3.49 2.05 8.21
N LEU A 352 3.36 3.28 8.73
CA LEU A 352 2.46 4.32 8.23
C LEU A 352 3.21 5.47 7.53
N GLY A 353 4.51 5.30 7.30
CA GLY A 353 5.31 6.35 6.61
C GLY A 353 5.09 6.45 5.10
N PRO A 354 5.75 7.41 4.48
CA PRO A 354 5.77 7.58 3.01
C PRO A 354 6.35 6.39 2.26
N VAL A 355 5.96 6.29 1.01
CA VAL A 355 6.45 5.27 0.12
C VAL A 355 7.61 5.94 -0.62
N TYR A 356 8.79 5.39 -0.47
CA TYR A 356 9.99 5.94 -1.13
C TYR A 356 11.01 4.84 -1.38
N GLY A 357 12.04 5.15 -2.20
CA GLY A 357 13.21 4.32 -2.36
C GLY A 357 13.22 3.60 -3.70
N ASN A 358 12.08 3.64 -4.40
CA ASN A 358 11.98 3.00 -5.71
C ASN A 358 12.32 4.00 -6.82
N ASP A 359 13.19 3.56 -7.74
CA ASP A 359 13.65 4.43 -8.83
C ASP A 359 12.46 4.91 -9.68
N THR A 360 12.40 6.20 -9.97
CA THR A 360 11.27 6.78 -10.71
C THR A 360 11.45 6.87 -12.22
N THR A 361 12.55 6.31 -12.74
CA THR A 361 12.88 6.38 -14.19
C THR A 361 12.81 5.01 -14.87
N ILE A 362 12.33 3.99 -14.14
CA ILE A 362 12.39 2.61 -14.66
C ILE A 362 11.05 2.01 -15.09
N ALA A 363 10.04 2.86 -15.33
CA ALA A 363 8.70 2.37 -15.69
C ALA A 363 8.71 1.36 -16.84
N LYS A 364 9.53 1.60 -17.85
CA LYS A 364 9.57 0.74 -19.02
C LYS A 364 10.12 -0.62 -18.69
N GLU A 365 10.88 -0.73 -17.58
CA GLU A 365 11.53 -1.95 -17.16
C GLU A 365 10.68 -2.85 -16.27
N MET A 366 9.44 -2.41 -16.00
CA MET A 366 8.56 -3.12 -15.09
C MET A 366 7.23 -3.37 -15.81
N SER A 367 6.78 -4.63 -15.77
CA SER A 367 5.47 -5.00 -16.31
C SER A 367 4.34 -4.63 -15.35
N GLY A 368 4.63 -4.69 -14.05
CA GLY A 368 3.60 -4.45 -13.05
C GLY A 368 4.30 -4.00 -11.80
N PHE A 369 3.55 -3.37 -10.91
CA PHE A 369 4.08 -3.02 -9.60
C PHE A 369 2.93 -3.13 -8.61
N VAL A 370 3.01 -4.08 -7.67
CA VAL A 370 1.97 -4.28 -6.68
C VAL A 370 2.61 -4.20 -5.30
N THR A 371 1.85 -3.67 -4.35
CA THR A 371 2.28 -3.64 -2.95
C THR A 371 1.66 -4.78 -2.11
N ASN A 372 2.50 -5.42 -1.30
CA ASN A 372 2.06 -6.37 -0.28
C ASN A 372 1.83 -5.56 1.03
N PRO A 373 0.55 -5.43 1.46
CA PRO A 373 0.24 -4.53 2.55
C PRO A 373 0.22 -5.17 3.95
N MET A 374 -0.15 -4.40 4.95
CA MET A 374 -0.26 -4.90 6.31
C MET A 374 -1.59 -5.65 6.40
N GLU A 375 -1.67 -6.53 7.38
CA GLU A 375 -2.95 -7.13 7.76
C GLU A 375 -3.97 -6.09 8.24
N HIS A 376 -3.48 -4.87 8.55
CA HIS A 376 -4.36 -3.72 8.84
C HIS A 376 -4.74 -3.02 7.52
N ALA A 377 -5.93 -3.34 7.01
CA ALA A 377 -6.39 -2.92 5.68
C ALA A 377 -6.52 -1.40 5.53
N GLU A 378 -7.21 -0.75 6.45
CA GLU A 378 -7.37 0.71 6.34
C GLU A 378 -6.08 1.46 6.49
N SER A 379 -5.26 1.07 7.47
CA SER A 379 -3.94 1.67 7.74
C SER A 379 -3.00 1.56 6.52
N SER A 380 -3.17 0.49 5.74
CA SER A 380 -2.40 0.22 4.50
C SER A 380 -2.70 1.19 3.36
N LYS A 381 -3.87 1.84 3.42
CA LYS A 381 -4.25 2.83 2.41
C LYS A 381 -3.31 4.01 2.20
N ILE A 382 -2.57 4.40 3.23
CA ILE A 382 -1.55 5.44 3.09
C ILE A 382 -0.52 5.01 2.02
N ALA A 383 0.04 3.84 2.21
CA ALA A 383 1.03 3.31 1.24
C ALA A 383 0.38 2.96 -0.10
N ILE A 384 -0.79 2.31 -0.05
CA ILE A 384 -1.50 1.93 -1.27
C ILE A 384 -1.79 3.14 -2.20
N TYR A 385 -2.34 4.21 -1.63
CA TYR A 385 -2.56 5.45 -2.38
C TYR A 385 -1.25 5.97 -3.01
N SER A 386 -0.15 5.86 -2.27
CA SER A 386 1.14 6.42 -2.73
C SER A 386 1.71 5.54 -3.83
N VAL A 387 1.56 4.23 -3.70
CA VAL A 387 2.01 3.26 -4.73
C VAL A 387 1.15 3.47 -6.00
N ALA A 388 -0.16 3.70 -5.85
CA ALA A 388 -0.98 4.04 -7.01
C ALA A 388 -0.40 5.24 -7.76
N SER A 389 -0.04 6.30 -7.02
CA SER A 389 0.45 7.53 -7.63
C SER A 389 1.81 7.28 -8.33
N TYR A 390 2.72 6.58 -7.63
CA TYR A 390 4.03 6.27 -8.14
C TYR A 390 3.94 5.48 -9.45
N ALA A 391 3.07 4.45 -9.49
CA ALA A 391 3.07 3.51 -10.60
C ALA A 391 2.40 4.09 -11.84
N TRP A 392 1.45 5.02 -11.63
CA TRP A 392 0.78 5.71 -12.74
C TRP A 392 1.70 6.76 -13.38
N ASN A 393 2.31 7.60 -12.54
CA ASN A 393 3.22 8.64 -13.05
C ASN A 393 4.48 8.76 -12.20
N PRO A 394 5.41 7.81 -12.35
CA PRO A 394 6.60 7.83 -11.50
C PRO A 394 7.46 9.07 -11.75
N ALA A 395 7.46 9.58 -12.99
CA ALA A 395 8.30 10.76 -13.35
C ALA A 395 7.99 11.95 -12.46
N LYS A 396 6.72 12.06 -12.08
CA LYS A 396 6.27 13.11 -11.20
C LYS A 396 5.92 12.62 -9.79
N TYR A 397 6.47 11.49 -9.37
CA TYR A 397 6.15 10.99 -8.04
C TYR A 397 6.78 11.88 -6.96
N ASP A 398 5.94 12.41 -6.09
CA ASP A 398 6.36 13.28 -4.98
C ASP A 398 6.01 12.55 -3.70
N THR A 399 7.03 12.01 -3.01
CA THR A 399 6.88 11.13 -1.85
C THR A 399 6.06 11.74 -0.74
N TRP A 400 6.56 12.88 -0.25
CA TRP A 400 5.98 13.54 0.90
C TRP A 400 4.62 14.15 0.59
N GLN A 401 4.48 14.83 -0.54
CA GLN A 401 3.16 15.39 -0.85
C GLN A 401 2.11 14.32 -1.02
N THR A 402 2.49 13.19 -1.63
CA THR A 402 1.51 12.11 -1.89
C THR A 402 1.09 11.47 -0.55
N TRP A 403 2.06 11.30 0.34
CA TRP A 403 1.82 10.83 1.73
C TRP A 403 0.79 11.69 2.47
N LYS A 404 1.03 12.99 2.50
CA LYS A 404 0.02 13.97 3.00
C LYS A 404 -1.31 13.91 2.31
N ASP A 405 -1.30 13.81 0.99
CA ASP A 405 -2.55 13.68 0.20
C ASP A 405 -3.30 12.40 0.58
N ALA A 406 -2.57 11.29 0.72
CA ALA A 406 -3.18 10.01 1.17
C ALA A 406 -3.93 10.19 2.50
N ILE A 407 -3.23 10.75 3.47
CA ILE A 407 -3.79 10.97 4.80
C ILE A 407 -5.04 11.89 4.81
N ARG A 408 -4.99 12.98 4.05
CA ARG A 408 -6.15 13.87 3.92
C ARG A 408 -7.34 13.21 3.24
N THR A 409 -7.07 12.25 2.36
CA THR A 409 -8.12 11.50 1.66
C THR A 409 -8.78 10.49 2.61
N ILE A 410 -7.95 9.80 3.37
CA ILE A 410 -8.42 8.81 4.30
C ILE A 410 -9.09 9.39 5.56
N LEU A 411 -8.56 10.47 6.08
CA LEU A 411 -9.12 10.99 7.33
C LEU A 411 -9.17 12.51 7.28
N PRO A 412 -9.99 13.07 6.37
CA PRO A 412 -10.01 14.53 6.20
C PRO A 412 -10.37 15.28 7.49
N SER A 413 -11.19 14.67 8.35
CA SER A 413 -11.62 15.36 9.59
C SER A 413 -10.55 15.46 10.64
N ALA A 414 -9.46 14.70 10.51
CA ALA A 414 -8.35 14.72 11.47
C ALA A 414 -7.00 14.42 10.82
N ALA A 415 -6.78 15.02 9.65
CA ALA A 415 -5.60 14.76 8.85
C ALA A 415 -4.29 15.16 9.53
N GLU A 416 -4.23 16.34 10.15
CA GLU A 416 -3.01 16.74 10.88
C GLU A 416 -2.67 15.80 12.03
N GLU A 417 -3.71 15.33 12.73
CA GLU A 417 -3.49 14.35 13.80
C GLU A 417 -3.00 13.00 13.30
N LEU A 418 -3.53 12.54 12.18
CA LEU A 418 -3.03 11.28 11.60
C LEU A 418 -1.61 11.46 11.02
N GLU A 419 -1.33 12.64 10.42
CA GLU A 419 0.05 12.87 10.00
C GLU A 419 1.02 12.79 11.17
N CYS A 420 0.69 13.46 12.29
CA CYS A 420 1.50 13.37 13.52
C CYS A 420 1.74 11.91 13.98
N PHE A 421 0.67 11.13 14.11
CA PHE A 421 0.78 9.73 14.52
C PHE A 421 1.62 8.94 13.50
N ALA A 422 1.32 9.13 12.21
CA ALA A 422 2.05 8.35 11.19
C ALA A 422 3.54 8.71 11.08
N MET A 423 3.88 9.99 11.26
CA MET A 423 5.30 10.45 11.19
C MET A 423 6.17 9.68 12.18
N HIS A 424 5.57 9.31 13.30
CA HIS A 424 6.29 8.63 14.40
C HIS A 424 6.00 7.11 14.48
N ASN A 425 5.37 6.56 13.45
CA ASN A 425 5.05 5.12 13.35
C ASN A 425 5.38 4.66 11.94
N SER A 426 6.68 4.64 11.65
CA SER A 426 7.25 4.56 10.29
C SER A 426 8.27 3.43 10.18
N ASP A 427 9.12 3.35 11.20
CA ASP A 427 10.23 2.38 11.19
C ASP A 427 9.75 0.99 11.65
N LEU A 428 10.53 -0.02 11.29
CA LEU A 428 10.23 -1.41 11.55
C LEU A 428 10.95 -1.89 12.81
N GLY A 429 11.95 -1.13 13.24
CA GLY A 429 12.87 -1.63 14.27
C GLY A 429 13.77 -2.70 13.68
N PRO A 430 14.81 -3.13 14.43
CA PRO A 430 15.73 -4.14 13.91
C PRO A 430 14.97 -5.42 13.58
N ASN A 431 15.30 -6.04 12.46
CA ASN A 431 14.54 -7.23 12.03
C ASN A 431 15.44 -8.11 11.17
N GLY A 432 15.04 -9.37 11.04
CA GLY A 432 15.75 -10.36 10.25
C GLY A 432 15.88 -10.08 8.76
N HIS A 433 15.12 -9.12 8.22
CA HIS A 433 15.28 -8.73 6.80
C HIS A 433 16.19 -7.51 6.57
N GLY A 434 16.69 -6.89 7.64
CA GLY A 434 17.54 -5.69 7.53
C GLY A 434 16.82 -4.48 6.91
N TYR A 435 15.49 -4.46 6.95
CA TYR A 435 14.76 -3.36 6.29
C TYR A 435 14.29 -2.34 7.32
N ARG A 436 14.63 -1.07 7.07
CA ARG A 436 14.32 0.03 7.97
C ARG A 436 13.71 1.18 7.17
N ARG A 437 13.06 2.08 7.87
CA ARG A 437 12.47 3.27 7.27
C ARG A 437 12.81 4.43 8.21
N GLU A 438 12.93 5.62 7.64
CA GLU A 438 13.13 6.83 8.45
C GLU A 438 11.87 7.07 9.28
N GLU A 439 12.01 7.81 10.38
CA GLU A 439 10.91 8.07 11.32
C GLU A 439 11.23 9.34 12.10
N SER A 440 10.24 10.21 12.35
CA SER A 440 10.45 11.34 13.32
C SER A 440 11.56 12.31 12.88
N MET A 441 11.74 12.50 11.57
CA MET A 441 12.86 13.36 11.10
C MET A 441 12.68 14.85 11.38
N ASP A 442 11.43 15.29 11.55
CA ASP A 442 11.11 16.66 11.97
C ASP A 442 11.69 17.06 13.33
N ILE A 443 11.81 16.11 14.24
CA ILE A 443 12.29 16.41 15.58
C ILE A 443 13.66 15.83 15.85
N GLN A 444 14.14 15.01 14.94
CA GLN A 444 15.45 14.43 15.11
C GLN A 444 16.56 15.49 15.33
N PRO A 445 16.54 16.64 14.58
CA PRO A 445 17.53 17.71 14.89
C PRO A 445 17.49 18.17 16.36
N ALA A 446 16.30 18.56 16.84
CA ALA A 446 16.13 19.04 18.22
C ALA A 446 16.59 17.97 19.19
N ALA A 447 16.20 16.71 18.92
CA ALA A 447 16.52 15.57 19.78
C ALA A 447 18.01 15.39 19.97
N GLU A 448 18.73 15.34 18.86
CA GLU A 448 20.18 15.18 18.92
C GLU A 448 20.92 16.42 19.50
N ARG A 449 20.47 17.63 19.14
CA ARG A 449 21.09 18.89 19.63
C ARG A 449 20.82 19.09 21.13
N PHE A 450 19.60 18.75 21.57
CA PHE A 450 19.29 18.75 23.00
C PHE A 450 20.11 17.71 23.75
N LEU A 451 20.04 16.45 23.33
CA LEU A 451 20.66 15.38 24.12
C LEU A 451 22.17 15.47 24.20
N LYS A 452 22.82 16.02 23.16
CA LYS A 452 24.29 16.11 23.15
C LYS A 452 24.74 17.15 24.16
N ALA A 453 24.14 18.34 24.06
CA ALA A 453 24.37 19.41 25.00
C ALA A 453 24.15 18.89 26.40
N PHE A 454 22.95 18.35 26.64
CA PHE A 454 22.53 17.91 27.97
C PHE A 454 23.48 16.92 28.64
N LYS A 455 23.85 15.84 27.95
CA LYS A 455 24.78 14.86 28.52
C LYS A 455 26.21 15.43 28.65
N TYR A 460 21.74 23.54 26.72
CA TYR A 460 20.92 23.22 25.55
C TYR A 460 20.10 24.44 25.10
N ASP A 461 19.84 24.52 23.80
CA ASP A 461 19.06 25.61 23.21
C ASP A 461 17.63 25.48 23.73
N LYS A 462 17.07 26.57 24.24
CA LYS A 462 15.67 26.54 24.64
C LYS A 462 14.77 26.19 23.44
N ALA A 463 15.13 26.62 22.24
CA ALA A 463 14.35 26.31 21.04
C ALA A 463 14.23 24.79 20.79
N ASP A 464 15.23 24.03 21.25
CA ASP A 464 15.30 22.58 21.09
C ASP A 464 14.48 21.86 22.16
N PHE A 465 14.58 22.33 23.40
CA PHE A 465 13.69 21.94 24.48
C PHE A 465 12.24 22.24 24.12
N GLU A 466 11.96 23.43 23.57
CA GLU A 466 10.59 23.80 23.17
C GLU A 466 10.05 22.90 22.07
N THR A 467 10.92 22.48 21.16
CA THR A 467 10.54 21.60 20.05
C THR A 467 10.13 20.26 20.64
N LEU A 468 10.91 19.75 21.58
CA LEU A 468 10.61 18.48 22.24
C LEU A 468 9.29 18.51 23.01
N GLN A 469 9.08 19.61 23.74
CA GLN A 469 7.88 19.90 24.50
C GLN A 469 6.68 20.00 23.57
N TYR A 470 6.82 20.80 22.50
CA TYR A 470 5.79 20.97 21.48
C TYR A 470 5.41 19.63 20.88
N THR A 471 6.43 18.81 20.61
CA THR A 471 6.22 17.50 20.00
C THR A 471 5.42 16.58 20.91
N PHE A 472 5.80 16.49 22.18
CA PHE A 472 5.01 15.70 23.13
C PHE A 472 3.56 16.19 23.28
N GLU A 473 3.37 17.50 23.37
CA GLU A 473 2.04 18.10 23.45
C GLU A 473 1.18 17.75 22.24
N ARG A 474 1.73 17.92 21.05
CA ARG A 474 1.05 17.55 19.81
C ARG A 474 0.69 16.05 19.68
N MET A 475 1.61 15.16 20.12
CA MET A 475 1.36 13.73 20.13
C MET A 475 0.15 13.39 21.01
N LYS A 476 0.03 14.05 22.17
CA LYS A 476 -1.13 13.82 23.06
C LYS A 476 -2.44 14.32 22.42
N GLU A 477 -2.43 15.53 21.88
CA GLU A 477 -3.60 16.06 21.16
C GLU A 477 -3.99 15.06 20.08
N SER A 478 -3.00 14.61 19.29
CA SER A 478 -3.31 13.77 18.13
C SER A 478 -3.90 12.44 18.56
N ALA A 479 -3.32 11.83 19.59
CA ALA A 479 -3.80 10.54 20.14
C ALA A 479 -5.26 10.60 20.64
N ASP A 480 -5.59 11.63 21.41
CA ASP A 480 -6.94 11.74 21.97
C ASP A 480 -7.99 12.06 20.91
N ILE A 481 -7.66 12.90 19.92
CA ILE A 481 -8.56 13.21 18.79
C ILE A 481 -8.77 11.97 17.89
N LEU A 482 -7.70 11.24 17.59
CA LEU A 482 -7.80 9.98 16.83
C LEU A 482 -8.64 8.90 17.52
N LEU A 483 -8.37 8.65 18.80
CA LEU A 483 -9.18 7.69 19.58
C LEU A 483 -10.70 7.90 19.40
N MET A 484 -11.14 9.15 19.39
CA MET A 484 -12.60 9.46 19.38
C MET A 484 -13.15 9.76 17.97
N ASN A 485 -12.32 9.60 16.95
CA ASN A 485 -12.76 9.96 15.60
C ASN A 485 -13.68 8.91 15.05
N THR A 486 -14.75 9.34 14.38
CA THR A 486 -15.76 8.40 13.91
C THR A 486 -15.94 8.46 12.41
N GLU A 487 -15.08 9.21 11.74
CA GLU A 487 -15.17 9.29 10.30
C GLU A 487 -14.70 8.00 9.64
N ASN A 488 -13.66 7.36 10.19
CA ASN A 488 -13.23 6.07 9.68
C ASN A 488 -13.05 5.16 10.88
N LYS A 489 -14.14 4.57 11.36
CA LYS A 489 -14.08 3.71 12.53
C LYS A 489 -13.16 2.48 12.35
N PRO A 490 -13.22 1.78 11.20
CA PRO A 490 -12.32 0.64 11.09
C PRO A 490 -10.85 1.01 11.19
N LEU A 491 -10.47 2.17 10.66
CA LEU A 491 -9.09 2.62 10.80
C LEU A 491 -8.71 2.77 12.28
N ILE A 492 -9.58 3.45 13.02
CA ILE A 492 -9.34 3.71 14.45
C ILE A 492 -9.29 2.45 15.25
N VAL A 493 -10.18 1.51 14.92
CA VAL A 493 -10.13 0.18 15.55
C VAL A 493 -8.78 -0.53 15.30
N GLU A 494 -8.30 -0.50 14.04
CA GLU A 494 -6.95 -1.02 13.76
C GLU A 494 -5.85 -0.44 14.64
N ILE A 495 -5.82 0.89 14.74
CA ILE A 495 -4.65 1.55 15.32
C ILE A 495 -4.76 1.83 16.82
N THR A 496 -5.95 1.62 17.39
CA THR A 496 -6.22 2.06 18.77
C THR A 496 -5.14 1.63 19.78
N PRO A 497 -4.71 0.35 19.75
CA PRO A 497 -3.68 -0.03 20.76
C PRO A 497 -2.36 0.77 20.66
N TRP A 498 -1.93 1.02 19.42
CA TRP A 498 -0.74 1.85 19.14
C TRP A 498 -0.98 3.31 19.52
N VAL A 499 -2.21 3.80 19.34
CA VAL A 499 -2.54 5.17 19.77
C VAL A 499 -2.41 5.31 21.28
N HIS A 500 -2.93 4.36 22.07
CA HIS A 500 -2.75 4.35 23.52
C HIS A 500 -1.26 4.36 23.92
N GLN A 501 -0.48 3.50 23.29
CA GLN A 501 0.96 3.40 23.57
C GLN A 501 1.69 4.68 23.20
N PHE A 502 1.27 5.31 22.10
CA PHE A 502 1.83 6.56 21.58
C PHE A 502 1.53 7.70 22.57
N LYS A 503 0.33 7.72 23.11
CA LYS A 503 -0.03 8.73 24.13
C LYS A 503 0.83 8.61 25.41
N LEU A 504 1.04 7.39 25.89
CA LEU A 504 1.89 7.05 27.04
C LEU A 504 3.34 7.48 26.81
N THR A 505 3.82 7.20 25.60
CA THR A 505 5.12 7.72 25.16
C THR A 505 5.22 9.24 25.32
N ALA A 506 4.30 9.98 24.76
CA ALA A 506 4.32 11.43 24.88
C ALA A 506 4.27 11.87 26.37
N GLU A 507 3.40 11.26 27.19
CA GLU A 507 3.33 11.60 28.64
C GLU A 507 4.63 11.35 29.37
N MET A 508 5.28 10.23 29.07
CA MET A 508 6.57 9.91 29.62
C MET A 508 7.63 10.95 29.22
N GLY A 509 7.69 11.31 27.94
CA GLY A 509 8.56 12.41 27.45
C GLY A 509 8.39 13.67 28.26
N GLU A 510 7.14 14.12 28.40
CA GLU A 510 6.80 15.30 29.21
C GLU A 510 7.32 15.26 30.63
N GLU A 511 7.17 14.11 31.30
CA GLU A 511 7.62 13.91 32.69
C GLU A 511 9.15 13.88 32.77
N VAL A 512 9.80 13.31 31.75
CA VAL A 512 11.28 13.35 31.68
C VAL A 512 11.80 14.77 31.51
N LEU A 513 11.16 15.56 30.65
CA LEU A 513 11.54 16.97 30.50
C LEU A 513 11.28 17.80 31.76
N LYS A 514 10.30 17.39 32.56
CA LYS A 514 10.10 18.01 33.90
C LYS A 514 11.23 17.67 34.89
N MET A 515 11.74 16.45 34.82
CA MET A 515 12.92 16.03 35.56
C MET A 515 14.18 16.84 35.19
N VAL A 516 14.33 17.16 33.90
CA VAL A 516 15.42 17.99 33.39
C VAL A 516 15.35 19.39 33.99
N GLU A 517 14.17 20.00 33.89
CA GLU A 517 13.87 21.28 34.50
C GLU A 517 13.75 21.15 36.03
N GLY A 518 13.96 19.93 36.54
CA GLY A 518 13.82 19.57 37.95
C GLY A 518 14.19 20.66 38.94
N ARG A 519 13.17 21.18 39.63
CA ARG A 519 13.30 22.34 40.50
C ARG A 519 13.83 21.99 41.90
N ASN A 520 13.21 20.99 42.53
CA ASN A 520 13.65 20.50 43.84
C ASN A 520 13.70 18.98 43.91
N GLU A 521 14.18 18.45 45.02
CA GLU A 521 14.40 17.00 45.15
C GLU A 521 13.08 16.22 45.26
N SER A 522 12.09 16.79 45.95
CA SER A 522 10.82 16.09 46.12
C SER A 522 10.02 16.04 44.81
N TYR A 523 9.94 17.18 44.11
CA TYR A 523 9.40 17.25 42.75
C TYR A 523 10.09 16.28 41.81
N PHE A 524 11.42 16.29 41.78
CA PHE A 524 12.15 15.32 40.95
C PHE A 524 11.75 13.88 41.28
N LEU A 525 11.55 13.59 42.56
CA LEU A 525 11.18 12.23 42.94
C LEU A 525 9.74 11.87 42.56
N ARG A 526 8.84 12.84 42.56
CA ARG A 526 7.47 12.63 42.08
C ARG A 526 7.46 12.31 40.56
N LYS A 527 8.21 13.11 39.81
CA LYS A 527 8.36 12.87 38.36
C LYS A 527 8.94 11.51 38.05
N TYR A 528 9.96 11.14 38.81
CA TYR A 528 10.63 9.86 38.67
C TYR A 528 9.67 8.69 38.90
N ASN A 529 8.83 8.80 39.93
CA ASN A 529 7.88 7.73 40.19
C ASN A 529 6.79 7.69 39.13
N HIS A 530 6.38 8.86 38.63
CA HIS A 530 5.41 8.91 37.55
C HIS A 530 5.96 8.23 36.27
N VAL A 531 7.18 8.56 35.89
CA VAL A 531 7.83 7.89 34.76
C VAL A 531 7.82 6.38 34.95
N LYS A 532 8.17 5.89 36.14
CA LYS A 532 8.17 4.44 36.36
C LYS A 532 6.77 3.80 36.17
N ALA A 533 5.76 4.50 36.66
CA ALA A 533 4.35 4.05 36.50
C ALA A 533 3.97 3.99 35.02
N LEU A 534 4.34 5.04 34.30
CA LEU A 534 4.10 5.12 32.87
C LEU A 534 4.81 3.98 32.09
N GLN A 535 6.06 3.67 32.45
CA GLN A 535 6.81 2.49 31.90
C GLN A 535 6.03 1.21 32.13
N GLN A 536 5.54 1.02 33.36
CA GLN A 536 4.74 -0.14 33.69
C GLN A 536 3.51 -0.28 32.83
N GLN A 537 2.82 0.84 32.56
CA GLN A 537 1.61 0.81 31.73
C GLN A 537 1.91 0.45 30.30
N MET A 538 3.03 0.97 29.79
CA MET A 538 3.49 0.62 28.44
C MET A 538 3.76 -0.86 28.38
N PHE A 539 4.49 -1.39 29.38
CA PHE A 539 4.72 -2.84 29.48
C PHE A 539 3.42 -3.64 29.51
N TYR A 540 2.44 -3.16 30.30
CA TYR A 540 1.10 -3.78 30.34
C TYR A 540 0.46 -3.87 28.94
N ILE A 541 0.40 -2.73 28.24
CA ILE A 541 -0.15 -2.74 26.85
C ILE A 541 0.64 -3.72 25.96
N ASP A 542 1.97 -3.70 26.05
CA ASP A 542 2.83 -4.57 25.22
C ASP A 542 2.61 -6.07 25.51
N GLN A 543 2.15 -6.37 26.73
CA GLN A 543 1.92 -7.74 27.19
C GLN A 543 0.49 -8.21 27.05
N THR A 544 -0.45 -7.29 26.81
CA THR A 544 -1.86 -7.65 26.74
C THR A 544 -2.60 -7.39 25.40
N SER A 545 -2.15 -6.40 24.62
CA SER A 545 -2.68 -6.14 23.28
C SER A 545 -1.89 -6.87 22.20
N ASN A 546 -2.58 -7.29 21.14
CA ASN A 546 -1.97 -7.84 19.93
C ASN A 546 -0.99 -8.95 20.31
N GLN A 547 -1.47 -9.94 21.08
CA GLN A 547 -0.59 -11.00 21.55
C GLN A 547 -0.51 -12.13 20.52
N ASN A 548 0.03 -11.82 19.35
CA ASN A 548 0.20 -12.83 18.29
C ASN A 548 1.39 -13.71 18.62
N PRO A 549 1.50 -14.88 17.99
CA PRO A 549 2.60 -15.79 18.26
C PRO A 549 3.99 -15.31 17.87
N TYR A 550 4.12 -14.25 17.08
CA TYR A 550 5.36 -14.02 16.39
C TYR A 550 6.13 -12.82 16.91
N GLN A 551 5.52 -11.64 16.83
CA GLN A 551 6.07 -10.41 17.43
C GLN A 551 4.95 -9.82 18.27
N PRO A 552 4.68 -10.42 19.44
CA PRO A 552 3.56 -9.94 20.25
C PRO A 552 3.75 -8.50 20.76
N GLY A 553 2.65 -7.76 20.91
CA GLY A 553 2.74 -6.45 21.54
C GLY A 553 2.54 -5.23 20.65
N VAL A 554 3.01 -4.09 21.17
CA VAL A 554 2.66 -2.76 20.64
C VAL A 554 3.86 -1.84 20.89
N LYS A 555 4.60 -1.58 19.82
CA LYS A 555 5.73 -0.65 19.83
C LYS A 555 5.40 0.57 18.96
N THR A 556 5.85 1.75 19.39
CA THR A 556 5.51 2.98 18.69
C THR A 556 6.65 3.98 18.91
N ALA A 557 6.84 4.89 17.94
CA ALA A 557 7.88 5.99 18.10
C ALA A 557 9.24 5.43 18.56
N THR A 558 9.63 4.32 17.95
CA THR A 558 10.77 3.52 18.48
C THR A 558 12.14 3.99 17.97
N ARG A 559 12.14 4.74 16.86
CA ARG A 559 13.43 5.06 16.20
C ARG A 559 14.14 6.20 16.88
N VAL A 560 13.42 7.26 17.18
CA VAL A 560 14.01 8.50 17.64
C VAL A 560 13.46 8.86 19.01
N ILE A 561 12.13 8.84 19.13
CA ILE A 561 11.48 9.33 20.32
C ILE A 561 11.69 8.47 21.58
N LYS A 562 11.38 7.19 21.52
CA LYS A 562 11.54 6.37 22.72
C LYS A 562 13.01 6.36 23.19
N PRO A 563 13.97 6.17 22.27
CA PRO A 563 15.35 6.26 22.71
C PRO A 563 15.75 7.62 23.30
N LEU A 564 15.25 8.74 22.79
CA LEU A 564 15.56 10.05 23.39
C LEU A 564 15.03 10.14 24.83
N ILE A 565 13.78 9.73 25.04
CA ILE A 565 13.20 9.72 26.38
C ILE A 565 13.96 8.75 27.30
N ASP A 566 14.19 7.51 26.85
CA ASP A 566 14.93 6.56 27.67
C ASP A 566 16.33 7.08 28.07
N ARG A 567 17.05 7.67 27.10
CA ARG A 567 18.40 8.19 27.35
C ARG A 567 18.42 9.44 28.23
N THR A 568 17.50 10.37 28.00
CA THR A 568 17.36 11.56 28.82
C THR A 568 17.02 11.19 30.28
N PHE A 569 16.19 10.17 30.47
CA PHE A 569 15.81 9.74 31.81
C PHE A 569 17.04 9.21 32.56
N ALA A 570 17.78 8.30 31.92
CA ALA A 570 19.02 7.76 32.51
C ALA A 570 20.05 8.88 32.82
N THR A 571 20.24 9.80 31.89
CA THR A 571 21.11 10.96 32.07
C THR A 571 20.72 11.87 33.28
N VAL A 572 19.43 12.25 33.40
CA VAL A 572 19.01 13.12 34.50
C VAL A 572 19.14 12.41 35.85
N VAL A 573 18.91 11.10 35.85
CA VAL A 573 18.99 10.29 37.06
C VAL A 573 20.46 10.17 37.56
N LYS A 574 21.36 9.75 36.68
CA LYS A 574 22.80 9.86 36.85
C LYS A 574 23.14 11.19 37.52
N PHE A 575 22.74 12.30 36.89
CA PHE A 575 22.96 13.66 37.36
C PHE A 575 22.42 13.90 38.79
N PHE A 576 21.25 13.33 39.08
CA PHE A 576 20.64 13.37 40.42
C PHE A 576 21.45 12.55 41.43
N ASN A 577 21.76 11.29 41.12
CA ASN A 577 22.64 10.48 41.97
C ASN A 577 24.03 11.07 42.27
N GLN A 578 24.63 11.76 41.30
CA GLN A 578 25.89 12.46 41.53
C GLN A 578 25.68 13.55 42.58
N LYS A 579 24.65 14.35 42.36
CA LYS A 579 24.29 15.51 43.17
C LYS A 579 24.02 15.18 44.64
N PHE A 580 23.19 14.15 44.88
CA PHE A 580 22.67 13.79 46.22
C PHE A 580 23.23 12.49 46.77
N ASN A 581 24.34 12.02 46.20
CA ASN A 581 24.91 10.71 46.58
C ASN A 581 23.81 9.64 46.74
N ALA A 582 22.85 9.64 45.82
CA ALA A 582 21.73 8.68 45.87
C ALA A 582 21.92 7.49 44.91
N HIS A 583 21.05 6.49 45.03
CA HIS A 583 21.12 5.30 44.20
C HIS A 583 19.76 4.89 43.62
N LEU A 584 19.09 5.84 42.97
CA LEU A 584 17.88 5.55 42.18
C LEU A 584 18.23 4.66 40.98
N ASP A 585 17.34 3.72 40.70
CA ASP A 585 17.41 2.89 39.49
C ASP A 585 17.22 3.70 38.22
N ALA A 586 18.23 3.71 37.35
CA ALA A 586 18.14 4.47 36.11
C ALA A 586 17.87 3.60 34.86
N THR A 587 17.42 2.36 35.06
CA THR A 587 17.06 1.50 33.93
C THR A 587 15.75 1.95 33.29
N THR A 588 15.53 1.46 32.07
CA THR A 588 14.49 2.00 31.19
C THR A 588 13.62 0.87 30.58
N ASP A 589 13.93 -0.37 30.94
CA ASP A 589 13.18 -1.53 30.44
C ASP A 589 12.62 -2.42 31.55
#